data_7FIJ
#
_entry.id   7FIJ
#
_cell.length_a   1.00
_cell.length_b   1.00
_cell.length_c   1.00
_cell.angle_alpha   90.00
_cell.angle_beta   90.00
_cell.angle_gamma   90.00
#
_symmetry.space_group_name_H-M   'P 1'
#
_entity_poly.entity_id   1
_entity_poly.type   'polypeptide(L)'
_entity_poly.pdbx_seq_one_letter_code
;DYKDDDDVENLYFQGASALCPEPCNCVPDGALRCPGPTAGLTRLSLAYLPVKVIPSQAFRGLNEVIKIEISQIDSLERIE
ANAFDNLLNLSEILIQNTKNLRYIEPGAFINLPRLKYLSICNTGIRKFPDVTKVFSSESNFILEICDNLHITTIPGNAFQ
GMNNESVTLKLYGNGFEEVQSHAFNGTTLTSLELKENVHLEKMHNGAFRGATGPKTLDISSTKLQALPSYGLESIQRLIA
TSSYSLKKLPSRETFVNLLEATLTYPSHCCAFRNLPTKEQNFSHSISENFSKQCESTVRKVNNKTLYSSMLAESELSGWD
YEYGFCLPKTPRCAPEPDAFNPCEDIMGYDFLRVLIWLINILAIMGNMTVLFVLLTSRYKLTVPRFLMCNLSFADFCMGL
YLLLIASVDSQTKGQYYNHAIDWQTGSGCSTAGFFTVFASELSVYTLTVITLERWHTITYAIHLDQKLRLRHAILIMLGG
WLFSSLIAMLPLVGVSNYMKVSICFPMDVETTLSQVYILTILILNVVAFFIICACYIKIYFAVRNPELMATNKDTKIAKK
MAILIFTDFTCMAPISFFAISAAFKVPLITVTNSKVLLVLFYPINSCANPFLYAIFTKTFQRDFFLLLSKFGCCKRRAEL
YRRKDFSAYTSNCKNGFTGSNKPSQSTLKLSTLHCQGTALLDKTRYTECHHHHHHHH
;
_entity_poly.pdbx_strand_id   R
#
# COMPACT_ATOMS: atom_id res chain seq x y z
N ASP A 29 -0.63 -46.98 -12.64
CA ASP A 29 -1.29 -47.47 -13.84
C ASP A 29 -2.78 -47.67 -13.60
N GLY A 30 -3.60 -47.26 -14.57
CA GLY A 30 -5.04 -47.39 -14.46
C GLY A 30 -5.64 -48.23 -15.56
N ALA A 31 -6.27 -49.34 -15.19
CA ALA A 31 -6.89 -50.25 -16.14
C ALA A 31 -8.40 -50.27 -15.91
N LEU A 32 -9.16 -50.14 -17.00
CA LEU A 32 -10.62 -50.09 -16.93
C LEU A 32 -11.09 -48.99 -15.98
N ARG A 33 -10.40 -47.85 -16.04
CA ARG A 33 -10.68 -46.70 -15.17
C ARG A 33 -10.60 -47.09 -13.69
N CYS A 34 -9.61 -47.91 -13.35
CA CYS A 34 -9.39 -48.34 -11.98
C CYS A 34 -7.93 -48.78 -11.85
N PRO A 35 -7.41 -48.86 -10.63
CA PRO A 35 -6.01 -49.27 -10.46
C PRO A 35 -5.81 -50.73 -10.85
N GLY A 36 -4.87 -50.96 -11.77
CA GLY A 36 -4.61 -52.28 -12.27
C GLY A 36 -3.13 -52.54 -12.48
N PRO A 37 -2.28 -51.85 -11.72
CA PRO A 37 -0.84 -52.06 -11.85
C PRO A 37 -0.45 -53.49 -11.52
N THR A 38 0.53 -54.02 -12.26
CA THR A 38 0.98 -55.40 -12.08
C THR A 38 2.40 -55.51 -11.55
N ALA A 39 3.15 -54.42 -11.48
CA ALA A 39 4.53 -54.43 -11.00
C ALA A 39 4.68 -53.49 -9.81
N GLY A 40 5.42 -53.94 -8.81
CA GLY A 40 5.66 -53.14 -7.63
C GLY A 40 6.47 -51.91 -7.95
N LEU A 41 5.95 -50.73 -7.63
CA LEU A 41 6.63 -49.47 -7.89
C LEU A 41 6.56 -48.59 -6.66
N THR A 42 7.61 -47.80 -6.47
CA THR A 42 7.73 -46.90 -5.32
C THR A 42 7.63 -45.43 -5.69
N ARG A 43 8.39 -44.97 -6.69
CA ARG A 43 8.39 -43.58 -7.11
C ARG A 43 7.61 -43.36 -8.40
N LEU A 44 6.55 -44.14 -8.62
CA LEU A 44 5.73 -44.00 -9.81
C LEU A 44 4.83 -42.79 -9.68
N SER A 45 4.83 -41.93 -10.70
CA SER A 45 4.00 -40.73 -10.74
C SER A 45 2.82 -40.95 -11.67
N LEU A 46 1.62 -40.63 -11.20
CA LEU A 46 0.41 -40.83 -11.98
C LEU A 46 0.38 -39.83 -13.15
N ALA A 47 0.58 -40.34 -14.36
CA ALA A 47 0.54 -39.53 -15.56
C ALA A 47 -0.82 -39.73 -16.25
N TYR A 48 -0.95 -39.18 -17.46
CA TYR A 48 -2.18 -39.33 -18.23
C TYR A 48 -2.44 -40.80 -18.55
N LEU A 49 -3.47 -41.37 -17.93
CA LEU A 49 -3.80 -42.78 -18.11
C LEU A 49 -5.28 -42.96 -17.80
N PRO A 50 -5.87 -44.07 -18.26
CA PRO A 50 -7.31 -44.27 -18.01
C PRO A 50 -7.60 -44.62 -16.56
N VAL A 51 -8.17 -43.67 -15.82
CA VAL A 51 -8.51 -43.87 -14.42
C VAL A 51 -9.69 -42.99 -14.07
N LYS A 52 -10.72 -43.58 -13.45
CA LYS A 52 -11.88 -42.82 -13.00
C LYS A 52 -12.28 -43.12 -11.56
N VAL A 53 -11.80 -44.19 -10.96
CA VAL A 53 -12.13 -44.51 -9.57
C VAL A 53 -10.99 -45.36 -9.00
N ILE A 54 -10.65 -45.08 -7.75
CA ILE A 54 -9.63 -45.86 -7.03
C ILE A 54 -10.35 -46.92 -6.22
N PRO A 55 -10.11 -48.21 -6.47
CA PRO A 55 -10.83 -49.25 -5.74
C PRO A 55 -10.51 -49.20 -4.25
N SER A 56 -11.52 -49.56 -3.44
CA SER A 56 -11.39 -49.53 -2.00
C SER A 56 -10.60 -50.74 -1.53
N GLN A 57 -9.42 -50.50 -0.97
CA GLN A 57 -8.51 -51.50 -0.40
C GLN A 57 -7.94 -52.45 -1.44
N ALA A 58 -8.30 -52.31 -2.71
CA ALA A 58 -7.78 -53.15 -3.78
C ALA A 58 -6.56 -52.51 -4.44
N PHE A 59 -5.57 -52.15 -3.64
CA PHE A 59 -4.34 -51.53 -4.12
C PHE A 59 -3.23 -52.55 -4.31
N ARG A 60 -3.59 -53.79 -4.66
CA ARG A 60 -2.59 -54.84 -4.84
C ARG A 60 -1.75 -54.58 -6.09
N GLY A 61 -0.65 -55.32 -6.19
CA GLY A 61 0.30 -55.16 -7.27
C GLY A 61 1.55 -54.39 -6.91
N LEU A 62 1.52 -53.65 -5.81
CA LEU A 62 2.68 -52.89 -5.33
C LEU A 62 3.01 -53.35 -3.92
N ASN A 63 4.23 -53.83 -3.71
CA ASN A 63 4.67 -54.27 -2.40
C ASN A 63 5.28 -53.14 -1.60
N GLU A 64 6.21 -52.40 -2.20
CA GLU A 64 6.84 -51.24 -1.57
C GLU A 64 6.42 -49.98 -2.33
N VAL A 65 5.85 -49.02 -1.60
CA VAL A 65 5.36 -47.78 -2.19
C VAL A 65 6.02 -46.61 -1.48
N ILE A 66 6.50 -45.64 -2.25
CA ILE A 66 7.15 -44.45 -1.72
C ILE A 66 6.29 -43.22 -1.92
N LYS A 67 5.91 -42.93 -3.17
CA LYS A 67 5.13 -41.74 -3.47
C LYS A 67 4.22 -42.03 -4.65
N ILE A 68 2.95 -41.63 -4.53
CA ILE A 68 1.97 -41.77 -5.61
C ILE A 68 1.32 -40.40 -5.77
N GLU A 69 1.85 -39.60 -6.69
CA GLU A 69 1.36 -38.25 -6.93
C GLU A 69 0.49 -38.24 -8.19
N ILE A 70 -0.72 -37.72 -8.06
CA ILE A 70 -1.70 -37.69 -9.14
C ILE A 70 -1.83 -36.23 -9.58
N SER A 71 -1.11 -35.87 -10.64
CA SER A 71 -1.18 -34.54 -11.23
C SER A 71 -1.87 -34.54 -12.59
N GLN A 72 -1.47 -35.46 -13.48
CA GLN A 72 -2.09 -35.60 -14.79
C GLN A 72 -3.13 -36.72 -14.81
N ILE A 73 -3.74 -37.00 -13.67
CA ILE A 73 -4.72 -38.08 -13.55
C ILE A 73 -6.07 -37.49 -13.15
N ASP A 74 -6.35 -36.28 -13.64
CA ASP A 74 -7.57 -35.57 -13.27
C ASP A 74 -8.83 -36.28 -13.75
N SER A 75 -8.71 -37.25 -14.66
CA SER A 75 -9.88 -38.01 -15.10
C SER A 75 -10.50 -38.78 -13.94
N LEU A 76 -9.70 -39.17 -12.95
CA LEU A 76 -10.20 -39.85 -11.76
C LEU A 76 -10.71 -38.80 -10.77
N GLU A 77 -11.88 -38.23 -11.11
CA GLU A 77 -12.45 -37.20 -10.25
C GLU A 77 -12.83 -37.76 -8.88
N ARG A 78 -13.44 -38.95 -8.85
CA ARG A 78 -13.90 -39.57 -7.62
C ARG A 78 -13.05 -40.79 -7.31
N ILE A 79 -12.56 -40.86 -6.07
CA ILE A 79 -11.77 -41.99 -5.59
C ILE A 79 -12.45 -42.53 -4.34
N GLU A 80 -12.65 -43.86 -4.32
CA GLU A 80 -13.32 -44.48 -3.18
C GLU A 80 -12.42 -44.44 -1.94
N ALA A 81 -13.06 -44.53 -0.79
CA ALA A 81 -12.36 -44.46 0.48
C ALA A 81 -11.50 -45.70 0.69
N ASN A 82 -10.52 -45.57 1.59
CA ASN A 82 -9.58 -46.65 1.91
C ASN A 82 -8.85 -47.15 0.66
N ALA A 83 -8.48 -46.21 -0.21
CA ALA A 83 -7.74 -46.58 -1.41
C ALA A 83 -6.37 -47.14 -1.06
N PHE A 84 -5.70 -46.56 -0.08
CA PHE A 84 -4.39 -47.02 0.38
C PHE A 84 -4.58 -48.02 1.49
N ASP A 85 -4.19 -49.28 1.24
CA ASP A 85 -4.41 -50.36 2.19
C ASP A 85 -3.20 -50.59 3.09
N ASN A 86 -2.04 -50.87 2.49
CA ASN A 86 -0.82 -51.19 3.23
C ASN A 86 0.34 -50.34 2.73
N LEU A 87 0.09 -49.04 2.55
CA LEU A 87 1.14 -48.11 2.13
C LEU A 87 1.89 -47.57 3.35
N LEU A 88 2.46 -48.50 4.11
CA LEU A 88 3.16 -48.12 5.34
C LEU A 88 4.41 -47.28 5.03
N ASN A 89 5.12 -47.62 3.98
CA ASN A 89 6.35 -46.93 3.60
C ASN A 89 6.11 -45.73 2.70
N LEU A 90 4.85 -45.37 2.46
CA LEU A 90 4.55 -44.22 1.62
C LEU A 90 5.13 -42.95 2.23
N SER A 91 5.73 -42.10 1.38
CA SER A 91 6.43 -40.91 1.84
C SER A 91 5.72 -39.62 1.45
N GLU A 92 5.41 -39.43 0.18
CA GLU A 92 4.84 -38.18 -0.30
C GLU A 92 3.55 -38.44 -1.07
N ILE A 93 2.55 -37.60 -0.84
CA ILE A 93 1.28 -37.65 -1.57
C ILE A 93 0.99 -36.24 -2.08
N LEU A 94 0.74 -36.13 -3.38
CA LEU A 94 0.49 -34.83 -4.01
C LEU A 94 -0.57 -35.02 -5.09
N ILE A 95 -1.78 -34.54 -4.82
CA ILE A 95 -2.88 -34.56 -5.78
C ILE A 95 -3.06 -33.13 -6.28
N GLN A 96 -2.80 -32.92 -7.57
CA GLN A 96 -2.86 -31.59 -8.17
C GLN A 96 -3.67 -31.64 -9.45
N ASN A 97 -4.27 -30.50 -9.80
CA ASN A 97 -5.07 -30.32 -11.00
C ASN A 97 -6.30 -31.23 -11.03
N THR A 98 -6.73 -31.69 -9.86
CA THR A 98 -7.94 -32.53 -9.77
C THR A 98 -9.15 -31.68 -9.44
N LYS A 99 -9.42 -30.71 -10.31
CA LYS A 99 -10.53 -29.79 -10.10
C LYS A 99 -11.88 -30.51 -10.22
N ASN A 100 -11.94 -31.59 -10.99
CA ASN A 100 -13.19 -32.32 -11.18
C ASN A 100 -13.63 -33.05 -9.92
N LEU A 101 -12.76 -33.18 -8.92
CA LEU A 101 -13.13 -33.85 -7.67
C LEU A 101 -14.12 -32.99 -6.90
N ARG A 102 -15.39 -33.40 -6.90
CA ARG A 102 -16.42 -32.64 -6.22
C ARG A 102 -16.19 -32.59 -4.71
N TYR A 103 -15.82 -33.73 -4.12
CA TYR A 103 -15.59 -33.81 -2.68
C TYR A 103 -14.69 -35.00 -2.40
N ILE A 104 -14.14 -35.02 -1.19
CA ILE A 104 -13.26 -36.08 -0.73
C ILE A 104 -13.97 -36.86 0.37
N GLU A 105 -14.09 -38.18 0.18
CA GLU A 105 -14.76 -39.01 1.15
C GLU A 105 -13.91 -39.18 2.41
N PRO A 106 -14.53 -39.48 3.54
CA PRO A 106 -13.78 -39.70 4.77
C PRO A 106 -12.93 -40.97 4.69
N GLY A 107 -11.86 -40.97 5.47
CA GLY A 107 -10.97 -42.12 5.51
C GLY A 107 -10.21 -42.35 4.22
N ALA A 108 -9.68 -41.29 3.61
CA ALA A 108 -8.90 -41.46 2.39
C ALA A 108 -7.62 -42.24 2.64
N PHE A 109 -6.98 -42.00 3.78
CA PHE A 109 -5.73 -42.67 4.15
C PHE A 109 -5.99 -43.56 5.35
N ILE A 110 -5.46 -44.79 5.30
CA ILE A 110 -5.69 -45.80 6.33
C ILE A 110 -4.41 -46.15 7.07
N ASN A 111 -3.41 -46.67 6.36
CA ASN A 111 -2.16 -47.11 6.97
C ASN A 111 -0.99 -46.50 6.19
N LEU A 112 -0.26 -45.60 6.85
CA LEU A 112 0.88 -44.92 6.23
C LEU A 112 1.77 -44.31 7.31
N PRO A 113 2.38 -45.14 8.15
CA PRO A 113 3.18 -44.59 9.27
C PRO A 113 4.35 -43.73 8.83
N ARG A 114 4.99 -44.05 7.71
CA ARG A 114 6.16 -43.32 7.24
C ARG A 114 5.80 -42.14 6.35
N LEU A 115 4.58 -41.63 6.44
CA LEU A 115 4.18 -40.47 5.64
C LEU A 115 5.04 -39.26 5.98
N LYS A 116 5.53 -38.58 4.95
CA LYS A 116 6.40 -37.42 5.13
C LYS A 116 5.93 -36.17 4.39
N TYR A 117 4.94 -36.28 3.51
CA TYR A 117 4.45 -35.12 2.77
C TYR A 117 3.07 -35.41 2.22
N LEU A 118 2.14 -34.47 2.40
CA LEU A 118 0.80 -34.59 1.85
C LEU A 118 0.37 -33.23 1.33
N SER A 119 -0.21 -33.21 0.13
CA SER A 119 -0.62 -31.96 -0.49
C SER A 119 -1.79 -32.21 -1.42
N ILE A 120 -2.78 -31.33 -1.37
CA ILE A 120 -3.94 -31.36 -2.25
C ILE A 120 -4.00 -30.01 -2.96
N CYS A 121 -3.95 -30.05 -4.29
CA CYS A 121 -3.88 -28.83 -5.09
C CYS A 121 -4.99 -28.80 -6.12
N ASN A 122 -5.62 -27.62 -6.27
CA ASN A 122 -6.58 -27.34 -7.33
C ASN A 122 -7.86 -28.16 -7.21
N THR A 123 -7.98 -28.97 -6.16
CA THR A 123 -9.16 -29.79 -5.97
C THR A 123 -10.37 -28.91 -5.63
N GLY A 124 -11.50 -29.21 -6.26
CA GLY A 124 -12.72 -28.48 -6.01
C GLY A 124 -13.59 -29.12 -4.96
N ILE A 125 -13.03 -29.37 -3.79
CA ILE A 125 -13.74 -30.02 -2.69
C ILE A 125 -14.45 -28.92 -1.88
N ARG A 126 -15.78 -28.92 -1.92
CA ARG A 126 -16.54 -27.93 -1.17
C ARG A 126 -16.43 -28.16 0.33
N LYS A 127 -16.24 -29.41 0.75
CA LYS A 127 -16.13 -29.76 2.17
C LYS A 127 -14.70 -30.15 2.50
N PHE A 128 -14.26 -29.78 3.69
CA PHE A 128 -12.91 -30.13 4.12
C PHE A 128 -12.80 -31.64 4.32
N PRO A 129 -11.80 -32.30 3.72
CA PRO A 129 -11.69 -33.75 3.87
C PRO A 129 -11.40 -34.16 5.30
N ASP A 130 -11.89 -35.34 5.65
CA ASP A 130 -11.66 -35.92 6.98
C ASP A 130 -10.38 -36.74 6.91
N VAL A 131 -9.28 -36.15 7.35
CA VAL A 131 -7.98 -36.79 7.30
C VAL A 131 -7.59 -37.38 8.66
N THR A 132 -8.56 -37.56 9.55
CA THR A 132 -8.28 -38.11 10.88
C THR A 132 -7.99 -39.60 10.87
N LYS A 133 -8.23 -40.29 9.75
CA LYS A 133 -8.00 -41.72 9.65
C LYS A 133 -6.56 -42.08 9.28
N VAL A 134 -5.71 -41.08 9.06
CA VAL A 134 -4.32 -41.31 8.70
C VAL A 134 -3.49 -41.43 9.97
N PHE A 135 -2.73 -42.52 10.08
CA PHE A 135 -1.87 -42.75 11.23
C PHE A 135 -0.41 -42.69 10.77
N SER A 136 0.37 -41.83 11.40
CA SER A 136 1.77 -41.66 11.04
C SER A 136 2.53 -41.10 12.23
N SER A 137 3.85 -41.27 12.20
CA SER A 137 4.75 -40.75 13.25
C SER A 137 5.98 -40.18 12.55
N GLU A 138 5.93 -38.89 12.24
CA GLU A 138 7.04 -38.21 11.59
C GLU A 138 7.07 -36.75 12.05
N SER A 139 8.26 -36.17 11.98
CA SER A 139 8.46 -34.78 12.39
C SER A 139 8.60 -33.81 11.23
N ASN A 140 9.05 -34.26 10.07
CA ASN A 140 9.20 -33.41 8.89
C ASN A 140 7.97 -33.41 8.01
N PHE A 141 6.89 -34.08 8.42
CA PHE A 141 5.69 -34.12 7.62
C PHE A 141 5.05 -32.74 7.50
N ILE A 142 4.65 -32.38 6.28
CA ILE A 142 4.03 -31.10 5.99
C ILE A 142 2.76 -31.34 5.20
N LEU A 143 1.65 -30.75 5.64
CA LEU A 143 0.37 -30.83 4.95
C LEU A 143 0.05 -29.46 4.38
N GLU A 144 -0.14 -29.40 3.06
CA GLU A 144 -0.36 -28.14 2.36
C GLU A 144 -1.62 -28.24 1.51
N ILE A 145 -2.45 -27.21 1.59
CA ILE A 145 -3.65 -27.09 0.76
C ILE A 145 -3.50 -25.81 -0.05
N CYS A 146 -3.55 -25.94 -1.38
CA CYS A 146 -3.34 -24.80 -2.26
C CYS A 146 -4.27 -24.89 -3.46
N ASP A 147 -4.53 -23.74 -4.07
CA ASP A 147 -5.34 -23.61 -5.28
C ASP A 147 -6.76 -24.15 -5.10
N ASN A 148 -7.22 -24.27 -3.85
CA ASN A 148 -8.57 -24.75 -3.56
C ASN A 148 -9.45 -23.55 -3.24
N LEU A 149 -10.46 -23.31 -4.07
CA LEU A 149 -11.38 -22.20 -3.89
C LEU A 149 -12.77 -22.66 -3.44
N HIS A 150 -12.92 -23.95 -3.10
CA HIS A 150 -14.21 -24.48 -2.69
C HIS A 150 -14.31 -24.77 -1.20
N ILE A 151 -13.18 -24.85 -0.49
CA ILE A 151 -13.22 -25.10 0.94
C ILE A 151 -13.79 -23.89 1.67
N THR A 152 -14.76 -24.12 2.54
CA THR A 152 -15.41 -23.05 3.28
C THR A 152 -14.67 -22.74 4.58
N THR A 153 -14.49 -23.75 5.42
CA THR A 153 -13.81 -23.58 6.69
C THR A 153 -13.25 -24.92 7.14
N ILE A 154 -12.30 -24.86 8.07
CA ILE A 154 -11.69 -26.06 8.64
C ILE A 154 -12.53 -26.50 9.83
N PRO A 155 -13.14 -27.68 9.80
CA PRO A 155 -13.97 -28.12 10.92
C PRO A 155 -13.13 -28.41 12.16
N GLY A 156 -13.79 -28.38 13.31
CA GLY A 156 -13.11 -28.68 14.55
C GLY A 156 -12.61 -30.12 14.57
N ASN A 157 -11.45 -30.32 15.21
CA ASN A 157 -10.80 -31.63 15.29
C ASN A 157 -10.56 -32.23 13.90
N ALA A 158 -10.17 -31.36 12.96
CA ALA A 158 -9.92 -31.82 11.60
C ALA A 158 -8.72 -32.76 11.54
N PHE A 159 -7.66 -32.43 12.28
CA PHE A 159 -6.42 -33.21 12.29
C PHE A 159 -6.26 -34.01 13.57
N GLN A 160 -7.37 -34.54 14.09
CA GLN A 160 -7.34 -35.29 15.33
C GLN A 160 -6.78 -36.68 15.10
N GLY A 161 -5.76 -37.05 15.88
CA GLY A 161 -5.16 -38.37 15.76
C GLY A 161 -4.52 -38.63 14.41
N MET A 162 -3.78 -37.66 13.88
CA MET A 162 -3.16 -37.79 12.57
C MET A 162 -1.65 -38.02 12.64
N ASN A 163 -0.94 -37.23 13.45
CA ASN A 163 0.50 -37.38 13.59
C ASN A 163 0.87 -37.24 15.06
N ASN A 164 2.03 -37.78 15.42
CA ASN A 164 2.47 -37.82 16.81
C ASN A 164 3.64 -36.90 17.12
N GLU A 165 4.38 -36.42 16.11
CA GLU A 165 5.58 -35.63 16.34
C GLU A 165 5.42 -34.17 15.95
N SER A 166 5.08 -33.89 14.69
CA SER A 166 4.99 -32.51 14.23
C SER A 166 4.27 -32.48 12.89
N VAL A 167 3.53 -31.40 12.67
CA VAL A 167 2.80 -31.17 11.42
C VAL A 167 3.06 -29.73 10.99
N THR A 168 3.34 -29.55 9.70
CA THR A 168 3.52 -28.22 9.10
C THR A 168 2.31 -27.96 8.21
N LEU A 169 1.49 -26.99 8.59
CA LEU A 169 0.26 -26.67 7.88
C LEU A 169 0.47 -25.49 6.95
N LYS A 170 0.04 -25.63 5.69
CA LYS A 170 0.14 -24.57 4.70
C LYS A 170 -1.19 -24.43 3.99
N LEU A 171 -1.62 -23.17 3.82
CA LEU A 171 -2.87 -22.84 3.14
C LEU A 171 -2.63 -21.75 2.10
N TYR A 172 -1.60 -21.94 1.29
CA TYR A 172 -1.21 -20.94 0.30
C TYR A 172 -2.30 -20.80 -0.75
N GLY A 173 -2.95 -19.65 -0.79
CA GLY A 173 -3.97 -19.38 -1.78
C GLY A 173 -5.20 -20.26 -1.67
N ASN A 174 -5.66 -20.51 -0.45
CA ASN A 174 -6.85 -21.32 -0.25
C ASN A 174 -8.10 -20.45 -0.32
N GLY A 175 -9.24 -21.10 -0.55
CA GLY A 175 -10.52 -20.45 -0.63
C GLY A 175 -11.31 -20.42 0.66
N PHE A 176 -10.69 -20.74 1.79
CA PHE A 176 -11.39 -20.74 3.07
C PHE A 176 -11.86 -19.34 3.43
N GLU A 177 -13.06 -19.25 4.00
CA GLU A 177 -13.63 -17.97 4.39
C GLU A 177 -13.54 -17.69 5.88
N GLU A 178 -13.46 -18.72 6.71
CA GLU A 178 -13.38 -18.55 8.16
C GLU A 178 -12.73 -19.79 8.75
N VAL A 179 -12.67 -19.82 10.09
CA VAL A 179 -12.10 -20.93 10.82
C VAL A 179 -13.04 -21.29 11.96
N GLN A 180 -12.84 -22.50 12.50
CA GLN A 180 -13.65 -23.02 13.60
C GLN A 180 -12.80 -23.06 14.87
N SER A 181 -13.42 -22.71 15.99
CA SER A 181 -12.73 -22.73 17.27
C SER A 181 -12.35 -24.15 17.66
N HIS A 182 -11.20 -24.29 18.31
CA HIS A 182 -10.70 -25.58 18.79
C HIS A 182 -10.59 -26.59 17.64
N ALA A 183 -10.08 -26.14 16.50
CA ALA A 183 -9.91 -27.00 15.34
C ALA A 183 -8.53 -27.65 15.30
N PHE A 184 -8.15 -28.28 16.41
CA PHE A 184 -6.90 -29.04 16.49
C PHE A 184 -6.87 -29.85 17.78
N ASN A 185 -6.49 -31.13 17.69
CA ASN A 185 -6.44 -31.99 18.87
C ASN A 185 -5.55 -33.18 18.57
N GLY A 186 -4.82 -33.62 19.60
CA GLY A 186 -4.03 -34.83 19.49
C GLY A 186 -2.83 -34.75 18.55
N THR A 187 -2.32 -33.54 18.28
CA THR A 187 -1.19 -33.40 17.40
C THR A 187 -0.46 -32.11 17.74
N THR A 188 0.78 -32.01 17.28
CA THR A 188 1.64 -30.85 17.50
C THR A 188 1.90 -30.13 16.18
N LEU A 189 1.66 -28.83 16.17
CA LEU A 189 1.84 -28.01 14.97
C LEU A 189 3.16 -27.26 15.09
N THR A 190 4.11 -27.58 14.20
CA THR A 190 5.39 -26.88 14.21
C THR A 190 5.25 -25.46 13.67
N SER A 191 4.53 -25.29 12.57
CA SER A 191 4.36 -23.98 11.97
C SER A 191 3.06 -23.97 11.17
N LEU A 192 2.58 -22.76 10.87
CA LEU A 192 1.35 -22.58 10.12
C LEU A 192 1.57 -21.53 9.03
N GLU A 193 0.79 -21.63 7.96
CA GLU A 193 0.89 -20.71 6.84
C GLU A 193 -0.48 -20.50 6.24
N LEU A 194 -0.84 -19.24 6.00
CA LEU A 194 -2.11 -18.88 5.39
C LEU A 194 -1.90 -17.79 4.34
N LYS A 195 -0.87 -17.93 3.53
CA LYS A 195 -0.54 -16.91 2.54
C LYS A 195 -1.60 -16.88 1.43
N GLU A 196 -1.87 -15.68 0.92
CA GLU A 196 -2.79 -15.46 -0.19
C GLU A 196 -4.20 -15.98 0.12
N ASN A 197 -4.57 -15.99 1.40
CA ASN A 197 -5.91 -16.42 1.81
C ASN A 197 -6.81 -15.19 1.93
N VAL A 198 -7.06 -14.57 0.77
CA VAL A 198 -7.85 -13.34 0.73
C VAL A 198 -9.29 -13.62 1.16
N HIS A 199 -9.83 -14.79 0.80
CA HIS A 199 -11.20 -15.11 1.14
C HIS A 199 -11.43 -15.24 2.65
N LEU A 200 -10.38 -15.51 3.42
CA LEU A 200 -10.51 -15.63 4.86
C LEU A 200 -10.86 -14.28 5.48
N GLU A 201 -11.78 -14.29 6.44
CA GLU A 201 -12.21 -13.07 7.12
C GLU A 201 -11.66 -12.99 8.54
N LYS A 202 -11.92 -14.00 9.37
CA LYS A 202 -11.46 -13.98 10.75
C LYS A 202 -11.41 -15.41 11.28
N MET A 203 -10.68 -15.58 12.37
CA MET A 203 -10.54 -16.87 13.04
C MET A 203 -10.79 -16.69 14.53
N HIS A 204 -11.36 -17.72 15.15
CA HIS A 204 -11.68 -17.67 16.56
C HIS A 204 -10.40 -17.63 17.40
N ASN A 205 -10.50 -17.00 18.57
CA ASN A 205 -9.35 -16.88 19.46
C ASN A 205 -8.88 -18.24 19.95
N GLY A 206 -9.81 -19.11 20.34
CA GLY A 206 -9.46 -20.41 20.84
C GLY A 206 -9.41 -21.49 19.78
N ALA A 207 -8.86 -21.15 18.61
CA ALA A 207 -8.77 -22.11 17.52
C ALA A 207 -7.73 -23.19 17.77
N PHE A 208 -6.85 -23.00 18.75
CA PHE A 208 -5.79 -23.96 19.08
C PHE A 208 -5.79 -24.26 20.57
N ARG A 209 -6.99 -24.53 21.11
CA ARG A 209 -7.11 -24.80 22.54
C ARG A 209 -6.31 -26.04 22.94
N GLY A 210 -6.38 -27.10 22.14
CA GLY A 210 -5.66 -28.32 22.44
C GLY A 210 -4.56 -28.62 21.45
N ALA A 211 -3.82 -27.59 21.04
CA ALA A 211 -2.75 -27.71 20.07
C ALA A 211 -1.43 -27.32 20.69
N THR A 212 -0.35 -27.70 19.99
CA THR A 212 1.01 -27.36 20.39
C THR A 212 1.62 -26.42 19.36
N GLY A 213 2.28 -25.37 19.83
CA GLY A 213 2.82 -24.35 18.95
C GLY A 213 1.76 -23.39 18.48
N PRO A 214 1.89 -22.88 17.24
CA PRO A 214 3.02 -23.16 16.34
C PRO A 214 4.22 -22.26 16.60
N LYS A 215 5.41 -22.70 16.17
CA LYS A 215 6.59 -21.87 16.31
C LYS A 215 6.51 -20.63 15.43
N THR A 216 6.01 -20.79 14.20
CA THR A 216 5.88 -19.68 13.27
C THR A 216 4.51 -19.73 12.61
N LEU A 217 3.99 -18.54 12.27
CA LEU A 217 2.69 -18.42 11.63
C LEU A 217 2.78 -17.39 10.51
N ASP A 218 1.92 -17.55 9.52
CA ASP A 218 1.87 -16.64 8.38
C ASP A 218 0.43 -16.17 8.19
N ILE A 219 0.25 -14.84 8.13
CA ILE A 219 -1.07 -14.26 7.92
C ILE A 219 -1.00 -13.27 6.78
N SER A 220 -0.04 -13.48 5.87
CA SER A 220 0.14 -12.57 4.74
C SER A 220 -1.03 -12.70 3.77
N SER A 221 -1.60 -11.57 3.38
CA SER A 221 -2.73 -11.51 2.45
C SER A 221 -3.88 -12.38 2.94
N THR A 222 -4.14 -12.34 4.25
CA THR A 222 -5.20 -13.14 4.86
C THR A 222 -6.42 -12.32 5.25
N LYS A 223 -6.31 -10.98 5.29
CA LYS A 223 -7.43 -10.11 5.67
C LYS A 223 -7.99 -10.48 7.04
N LEU A 224 -7.10 -10.83 7.96
CA LEU A 224 -7.51 -11.18 9.32
C LEU A 224 -7.67 -9.91 10.16
N GLN A 225 -8.81 -9.81 10.85
CA GLN A 225 -9.07 -8.63 11.67
C GLN A 225 -8.07 -8.54 12.83
N ALA A 226 -7.83 -9.67 13.51
CA ALA A 226 -6.92 -9.69 14.63
C ALA A 226 -6.41 -11.11 14.83
N LEU A 227 -5.27 -11.22 15.51
CA LEU A 227 -4.68 -12.51 15.81
C LEU A 227 -5.43 -13.19 16.96
N PRO A 228 -5.51 -14.52 16.93
CA PRO A 228 -6.18 -15.23 18.03
C PRO A 228 -5.43 -15.05 19.35
N SER A 229 -6.20 -14.98 20.44
CA SER A 229 -5.61 -14.85 21.76
C SER A 229 -4.88 -16.12 22.17
N TYR A 230 -5.51 -17.28 21.95
CA TYR A 230 -4.93 -18.57 22.31
C TYR A 230 -4.33 -19.25 21.08
N GLY A 231 -3.31 -20.05 21.31
CA GLY A 231 -2.59 -20.74 20.25
C GLY A 231 -1.44 -19.95 19.68
N LEU A 232 -1.64 -18.65 19.46
CA LEU A 232 -0.60 -17.78 18.96
C LEU A 232 0.31 -17.23 20.05
N GLU A 233 0.00 -17.51 21.32
CA GLU A 233 0.81 -17.00 22.42
C GLU A 233 2.22 -17.58 22.42
N SER A 234 2.43 -18.74 21.80
CA SER A 234 3.74 -19.37 21.73
C SER A 234 4.38 -19.22 20.35
N ILE A 235 3.93 -18.25 19.56
CA ILE A 235 4.46 -18.04 18.22
C ILE A 235 5.78 -17.29 18.33
N GLN A 236 6.84 -17.86 17.75
CA GLN A 236 8.14 -17.22 17.74
C GLN A 236 8.34 -16.31 16.54
N ARG A 237 7.73 -16.63 15.40
CA ARG A 237 7.85 -15.84 14.19
C ARG A 237 6.46 -15.60 13.59
N LEU A 238 6.32 -14.48 12.91
CA LEU A 238 5.05 -14.11 12.29
C LEU A 238 5.31 -13.49 10.92
N ILE A 239 4.33 -13.63 10.03
CA ILE A 239 4.40 -13.07 8.68
C ILE A 239 3.03 -12.50 8.34
N ALA A 240 2.97 -11.19 8.11
CA ALA A 240 1.71 -10.53 7.80
C ALA A 240 1.87 -9.52 6.68
N THR A 241 2.75 -9.80 5.72
CA THR A 241 2.99 -8.87 4.61
C THR A 241 1.74 -8.71 3.77
N SER A 242 1.43 -7.46 3.43
CA SER A 242 0.26 -7.12 2.61
C SER A 242 -1.03 -7.62 3.22
N SER A 243 -1.10 -7.68 4.55
CA SER A 243 -2.32 -8.11 5.22
C SER A 243 -3.46 -7.12 4.98
N TYR A 244 -3.17 -5.82 5.08
CA TYR A 244 -4.11 -4.73 4.84
C TYR A 244 -5.30 -4.73 5.80
N SER A 245 -5.32 -5.65 6.77
CA SER A 245 -6.41 -5.70 7.74
C SER A 245 -5.94 -5.97 9.16
N LEU A 246 -4.64 -6.03 9.42
CA LEU A 246 -4.11 -6.29 10.76
C LEU A 246 -3.91 -4.98 11.52
N LYS A 247 -5.03 -4.26 11.71
CA LYS A 247 -4.98 -3.00 12.43
C LYS A 247 -4.72 -3.20 13.93
N LYS A 248 -4.93 -4.40 14.44
CA LYS A 248 -4.71 -4.70 15.86
C LYS A 248 -3.72 -5.84 15.98
N LEU A 249 -2.84 -5.74 16.96
CA LEU A 249 -1.83 -6.76 17.23
C LEU A 249 -1.83 -7.12 18.70
N PRO A 250 -1.39 -8.33 19.05
CA PRO A 250 -1.40 -8.74 20.44
C PRO A 250 -0.41 -7.94 21.28
N SER A 251 -0.72 -7.82 22.57
CA SER A 251 0.13 -7.07 23.48
C SER A 251 1.48 -7.75 23.63
N ARG A 252 2.50 -6.94 23.93
CA ARG A 252 3.85 -7.45 24.07
C ARG A 252 3.99 -8.39 25.27
N GLU A 253 3.12 -8.26 26.27
CA GLU A 253 3.18 -9.15 27.42
C GLU A 253 2.88 -10.60 27.01
N THR A 254 1.88 -10.80 26.16
CA THR A 254 1.55 -12.14 25.70
C THR A 254 2.67 -12.72 24.82
N PHE A 255 3.22 -11.91 23.92
CA PHE A 255 4.28 -12.35 23.02
C PHE A 255 5.62 -12.07 23.69
N VAL A 256 6.10 -13.05 24.46
CA VAL A 256 7.37 -12.93 25.16
C VAL A 256 8.51 -13.63 24.44
N ASN A 257 8.25 -14.25 23.29
CA ASN A 257 9.28 -14.98 22.56
C ASN A 257 9.19 -14.73 21.06
N LEU A 258 8.76 -13.55 20.64
CA LEU A 258 8.66 -13.23 19.22
C LEU A 258 10.04 -13.01 18.63
N LEU A 259 10.63 -14.06 18.04
CA LEU A 259 11.97 -13.97 17.49
C LEU A 259 12.01 -13.06 16.26
N GLU A 260 10.98 -13.13 15.42
CA GLU A 260 10.93 -12.33 14.21
C GLU A 260 9.48 -12.02 13.86
N ALA A 261 9.29 -10.98 13.06
CA ALA A 261 7.95 -10.57 12.64
C ALA A 261 8.07 -9.80 11.34
N THR A 262 7.06 -9.96 10.47
CA THR A 262 6.98 -9.25 9.20
C THR A 262 5.57 -8.67 9.08
N LEU A 263 5.38 -7.46 9.62
CA LEU A 263 4.09 -6.79 9.60
C LEU A 263 4.09 -5.70 8.54
N THR A 264 3.02 -5.64 7.75
CA THR A 264 2.93 -4.65 6.69
C THR A 264 2.70 -3.24 7.22
N TYR A 265 2.32 -3.07 8.48
CA TYR A 265 2.23 -1.75 9.07
C TYR A 265 3.55 -1.44 9.75
N PRO A 266 4.35 -0.48 9.26
CA PRO A 266 5.63 -0.13 9.89
C PRO A 266 5.49 0.81 11.08
N SER A 267 4.62 0.44 12.02
CA SER A 267 4.38 1.23 13.22
C SER A 267 4.53 0.46 14.52
N HIS A 268 4.52 -0.87 14.49
CA HIS A 268 4.66 -1.67 15.69
C HIS A 268 6.11 -1.94 16.07
N CYS A 269 7.07 -1.50 15.24
CA CYS A 269 8.48 -1.77 15.53
C CYS A 269 8.92 -1.09 16.83
N CYS A 270 8.49 0.16 17.03
CA CYS A 270 8.88 0.87 18.25
C CYS A 270 8.28 0.21 19.50
N ALA A 271 7.02 -0.22 19.41
CA ALA A 271 6.38 -0.84 20.57
C ALA A 271 6.94 -2.22 20.85
N PHE A 272 7.39 -2.94 19.82
CA PHE A 272 7.90 -4.29 19.98
C PHE A 272 9.40 -4.34 20.20
N ARG A 273 10.08 -3.19 20.19
CA ARG A 273 11.54 -3.15 20.36
C ARG A 273 11.87 -3.15 21.86
N ASN A 274 11.57 -4.28 22.49
CA ASN A 274 11.83 -4.47 23.92
C ASN A 274 12.62 -5.75 24.10
N LEU A 275 13.78 -5.65 24.76
CA LEU A 275 14.58 -6.83 25.03
C LEU A 275 13.97 -7.63 26.17
N PRO A 276 14.07 -8.96 26.13
CA PRO A 276 13.53 -9.77 27.23
C PRO A 276 14.30 -9.55 28.52
N THR A 277 13.58 -9.68 29.63
CA THR A 277 14.18 -9.52 30.96
C THR A 277 14.79 -10.85 31.41
N LYS A 278 15.89 -11.21 30.73
CA LYS A 278 16.56 -12.47 31.03
C LYS A 278 17.14 -12.47 32.44
N GLU A 279 17.76 -11.36 32.85
CA GLU A 279 18.38 -11.28 34.16
C GLU A 279 18.45 -9.83 34.60
N GLN A 280 18.70 -9.64 35.90
CA GLN A 280 18.86 -8.35 36.56
C GLN A 280 17.59 -7.50 36.56
N ASN A 281 16.46 -8.05 36.12
CA ASN A 281 15.18 -7.33 36.09
C ASN A 281 15.30 -6.01 35.32
N PHE A 282 16.00 -6.06 34.20
CA PHE A 282 16.22 -4.89 33.34
C PHE A 282 16.84 -3.72 34.12
N PRO A 328 20.23 -10.66 24.11
CA PRO A 328 18.92 -10.87 24.74
C PRO A 328 17.78 -10.18 23.99
N LYS A 329 18.12 -9.44 22.93
CA LYS A 329 17.13 -8.73 22.13
C LYS A 329 16.55 -9.68 21.08
N THR A 330 15.77 -10.63 21.57
CA THR A 330 15.13 -11.63 20.72
C THR A 330 14.05 -10.99 19.87
N PRO A 331 13.38 -9.95 20.38
CA PRO A 331 12.32 -9.30 19.60
C PRO A 331 12.87 -8.68 18.32
N ARG A 332 12.06 -8.73 17.26
CA ARG A 332 12.45 -8.17 15.98
C ARG A 332 11.19 -7.72 15.25
N CYS A 333 11.38 -6.81 14.28
CA CYS A 333 10.28 -6.28 13.49
C CYS A 333 10.76 -6.04 12.07
N ALA A 334 9.81 -6.01 11.14
CA ALA A 334 10.09 -5.75 9.74
C ALA A 334 8.87 -5.07 9.14
N PRO A 335 9.04 -3.96 8.40
CA PRO A 335 10.34 -3.32 8.11
C PRO A 335 10.89 -2.52 9.29
N GLU A 336 12.19 -2.23 9.26
CA GLU A 336 12.83 -1.50 10.34
C GLU A 336 12.38 -0.05 10.35
N PRO A 337 12.56 0.65 11.48
CA PRO A 337 12.12 2.05 11.56
C PRO A 337 13.01 2.99 10.78
N ASP A 338 12.76 3.09 9.47
CA ASP A 338 13.54 3.94 8.58
C ASP A 338 13.13 5.41 8.67
N ALA A 339 12.40 5.80 9.71
CA ALA A 339 11.94 7.16 9.99
C ALA A 339 10.88 7.65 9.02
N PHE A 340 10.46 6.83 8.05
CA PHE A 340 9.37 7.22 7.17
C PHE A 340 8.07 7.37 7.95
N ASN A 341 7.82 6.46 8.88
CA ASN A 341 6.64 6.52 9.77
C ASN A 341 7.14 6.39 11.20
N PRO A 342 7.74 7.45 11.73
CA PRO A 342 8.36 7.35 13.06
C PRO A 342 7.32 7.23 14.17
N CYS A 343 7.77 6.74 15.31
CA CYS A 343 6.90 6.59 16.47
C CYS A 343 6.43 7.94 17.01
N GLU A 344 7.19 9.00 16.75
CA GLU A 344 6.81 10.34 17.18
C GLU A 344 5.76 10.90 16.22
N ASP A 345 5.50 12.20 16.32
CA ASP A 345 4.54 12.84 15.44
C ASP A 345 5.07 12.91 14.01
N ILE A 346 4.21 13.34 13.10
CA ILE A 346 4.60 13.43 11.69
C ILE A 346 5.73 14.45 11.52
N MET A 347 5.60 15.61 12.17
CA MET A 347 6.62 16.65 12.10
C MET A 347 7.20 16.99 13.46
N GLY A 348 6.93 16.19 14.48
CA GLY A 348 7.41 16.48 15.82
C GLY A 348 8.90 16.24 16.01
N TYR A 349 9.67 17.32 16.14
CA TYR A 349 11.10 17.27 16.39
C TYR A 349 11.39 18.00 17.70
N ASP A 350 12.68 18.17 17.99
CA ASP A 350 13.08 18.87 19.20
C ASP A 350 12.64 20.33 19.16
N PHE A 351 12.80 20.99 18.01
CA PHE A 351 12.42 22.39 17.85
C PHE A 351 11.65 22.68 16.57
N LEU A 352 11.49 21.71 15.68
CA LEU A 352 10.81 21.92 14.40
C LEU A 352 9.33 21.58 14.45
N ARG A 353 8.79 21.26 15.63
CA ARG A 353 7.37 20.96 15.74
C ARG A 353 6.51 22.18 15.43
N VAL A 354 6.91 23.35 15.94
CA VAL A 354 6.12 24.57 15.75
C VAL A 354 6.36 25.23 14.40
N LEU A 355 7.42 24.84 13.68
CA LEU A 355 7.68 25.42 12.37
C LEU A 355 6.57 25.09 11.39
N ILE A 356 6.07 23.85 11.43
CA ILE A 356 4.99 23.45 10.53
C ILE A 356 3.74 24.26 10.82
N TRP A 357 3.40 24.43 12.10
CA TRP A 357 2.23 25.22 12.46
C TRP A 357 2.38 26.67 12.01
N LEU A 358 3.56 27.26 12.23
CA LEU A 358 3.78 28.65 11.83
C LEU A 358 3.65 28.80 10.31
N ILE A 359 4.24 27.86 9.56
CA ILE A 359 4.16 27.91 8.11
C ILE A 359 2.72 27.77 7.65
N ASN A 360 1.97 26.86 8.27
CA ASN A 360 0.57 26.66 7.89
C ASN A 360 -0.26 27.91 8.15
N ILE A 361 -0.06 28.54 9.32
CA ILE A 361 -0.81 29.76 9.63
C ILE A 361 -0.45 30.88 8.67
N LEU A 362 0.85 31.04 8.37
CA LEU A 362 1.27 32.09 7.45
C LEU A 362 0.69 31.85 6.06
N ALA A 363 0.72 30.60 5.58
CA ALA A 363 0.17 30.30 4.27
C ALA A 363 -1.34 30.54 4.23
N ILE A 364 -2.04 30.15 5.29
CA ILE A 364 -3.49 30.36 5.33
C ILE A 364 -3.81 31.85 5.30
N MET A 365 -3.08 32.64 6.10
CA MET A 365 -3.32 34.08 6.12
C MET A 365 -3.03 34.72 4.77
N GLY A 366 -1.92 34.33 4.14
CA GLY A 366 -1.59 34.89 2.84
C GLY A 366 -2.60 34.52 1.77
N ASN A 367 -3.04 33.26 1.76
CA ASN A 367 -4.03 32.82 0.79
C ASN A 367 -5.36 33.55 1.00
N MET A 368 -5.77 33.72 2.27
CA MET A 368 -7.00 34.44 2.55
C MET A 368 -6.91 35.90 2.09
N THR A 369 -5.76 36.54 2.36
CA THR A 369 -5.59 37.92 1.91
C THR A 369 -5.61 38.02 0.40
N VAL A 370 -4.95 37.10 -0.30
CA VAL A 370 -4.93 37.12 -1.76
C VAL A 370 -6.33 36.91 -2.31
N LEU A 371 -7.08 35.96 -1.74
CA LEU A 371 -8.44 35.73 -2.21
C LEU A 371 -9.33 36.93 -1.96
N PHE A 372 -9.20 37.58 -0.80
CA PHE A 372 -9.99 38.77 -0.52
C PHE A 372 -9.65 39.90 -1.49
N VAL A 373 -8.36 40.10 -1.77
CA VAL A 373 -7.96 41.14 -2.71
C VAL A 373 -8.51 40.85 -4.10
N LEU A 374 -8.42 39.59 -4.54
CA LEU A 374 -8.93 39.24 -5.87
C LEU A 374 -10.44 39.43 -5.95
N LEU A 375 -11.17 39.03 -4.92
CA LEU A 375 -12.62 39.14 -4.94
C LEU A 375 -13.06 40.60 -4.88
N THR A 376 -12.37 41.43 -4.08
CA THR A 376 -12.74 42.82 -3.90
C THR A 376 -12.08 43.75 -4.91
N SER A 377 -11.32 43.22 -5.86
CA SER A 377 -10.66 44.06 -6.86
C SER A 377 -11.70 44.69 -7.77
N ARG A 378 -11.59 46.02 -7.96
CA ARG A 378 -12.52 46.72 -8.83
C ARG A 378 -12.31 46.35 -10.30
N TYR A 379 -11.05 46.20 -10.70
CA TYR A 379 -10.75 45.90 -12.09
C TYR A 379 -11.17 44.48 -12.44
N LYS A 380 -11.45 44.26 -13.72
CA LYS A 380 -11.85 42.94 -14.20
C LYS A 380 -10.69 41.95 -14.08
N LEU A 381 -11.03 40.70 -13.80
CA LEU A 381 -10.04 39.64 -13.64
C LEU A 381 -9.48 39.27 -15.01
N THR A 382 -8.29 39.75 -15.32
CA THR A 382 -7.63 39.44 -16.58
C THR A 382 -7.01 38.05 -16.54
N VAL A 383 -6.39 37.65 -17.65
CA VAL A 383 -5.73 36.35 -17.70
C VAL A 383 -4.61 36.23 -16.67
N PRO A 384 -3.69 37.20 -16.52
CA PRO A 384 -2.75 37.12 -15.38
C PRO A 384 -3.45 37.14 -14.04
N ARG A 385 -4.55 37.90 -13.92
CA ARG A 385 -5.32 37.90 -12.69
C ARG A 385 -5.94 36.54 -12.43
N PHE A 386 -6.46 35.90 -13.47
CA PHE A 386 -7.03 34.56 -13.32
C PHE A 386 -5.96 33.55 -12.92
N LEU A 387 -4.77 33.65 -13.51
CA LEU A 387 -3.68 32.76 -13.13
C LEU A 387 -3.27 32.98 -11.67
N MET A 388 -3.21 34.25 -11.25
CA MET A 388 -2.90 34.55 -9.85
C MET A 388 -3.96 33.99 -8.91
N CYS A 389 -5.23 34.10 -9.30
CA CYS A 389 -6.31 33.56 -8.48
C CYS A 389 -6.21 32.04 -8.38
N ASN A 390 -5.90 31.37 -9.49
CA ASN A 390 -5.73 29.92 -9.46
C ASN A 390 -4.56 29.53 -8.58
N LEU A 391 -3.44 30.26 -8.67
CA LEU A 391 -2.30 29.99 -7.81
C LEU A 391 -2.64 30.20 -6.34
N SER A 392 -3.41 31.25 -6.04
CA SER A 392 -3.83 31.50 -4.67
C SER A 392 -4.74 30.39 -4.16
N PHE A 393 -5.64 29.90 -5.01
CA PHE A 393 -6.50 28.78 -4.62
C PHE A 393 -5.70 27.52 -4.34
N ALA A 394 -4.71 27.23 -5.20
CA ALA A 394 -3.85 26.08 -4.96
C ALA A 394 -3.05 26.23 -3.66
N ASP A 395 -2.54 27.43 -3.40
CA ASP A 395 -1.82 27.68 -2.16
C ASP A 395 -2.74 27.53 -0.95
N PHE A 396 -3.99 27.98 -1.07
CA PHE A 396 -4.94 27.82 0.01
C PHE A 396 -5.24 26.34 0.27
N CYS A 397 -5.39 25.55 -0.79
CA CYS A 397 -5.61 24.13 -0.62
C CYS A 397 -4.42 23.46 0.04
N MET A 398 -3.21 23.81 -0.37
CA MET A 398 -2.01 23.25 0.23
C MET A 398 -1.91 23.64 1.71
N GLY A 399 -2.21 24.90 2.02
CA GLY A 399 -2.18 25.34 3.40
C GLY A 399 -3.22 24.65 4.27
N LEU A 400 -4.42 24.42 3.71
CA LEU A 400 -5.45 23.68 4.44
C LEU A 400 -5.02 22.24 4.69
N TYR A 401 -4.39 21.61 3.70
CA TYR A 401 -3.89 20.25 3.89
C TYR A 401 -2.80 20.21 4.96
N LEU A 402 -1.89 21.18 4.94
CA LEU A 402 -0.84 21.24 5.94
C LEU A 402 -1.42 21.48 7.33
N LEU A 403 -2.42 22.35 7.44
CA LEU A 403 -3.06 22.60 8.72
C LEU A 403 -3.77 21.36 9.24
N LEU A 404 -4.44 20.62 8.36
CA LEU A 404 -5.08 19.37 8.77
C LEU A 404 -4.04 18.36 9.24
N ILE A 405 -2.91 18.26 8.53
CA ILE A 405 -1.86 17.34 8.94
C ILE A 405 -1.31 17.73 10.30
N ALA A 406 -1.09 19.03 10.53
CA ALA A 406 -0.58 19.48 11.81
C ALA A 406 -1.59 19.21 12.93
N SER A 407 -2.87 19.44 12.67
CA SER A 407 -3.90 19.16 13.66
C SER A 407 -3.95 17.69 14.00
N VAL A 408 -3.80 16.82 12.99
CA VAL A 408 -3.73 15.39 13.25
C VAL A 408 -2.50 15.08 14.10
N ASP A 409 -1.37 15.71 13.80
CA ASP A 409 -0.18 15.55 14.63
C ASP A 409 -0.33 16.24 15.97
N SER A 410 -1.15 17.29 16.04
CA SER A 410 -1.35 18.01 17.29
C SER A 410 -2.08 17.15 18.30
N GLN A 411 -1.84 17.44 19.59
CA GLN A 411 -2.42 16.79 20.75
C GLN A 411 -1.98 15.34 20.91
N THR A 412 -1.13 14.82 20.02
CA THR A 412 -0.66 13.46 20.15
C THR A 412 0.35 13.32 21.28
N LYS A 413 0.99 14.42 21.68
CA LYS A 413 1.94 14.45 22.80
C LYS A 413 3.12 13.51 22.58
N GLY A 414 3.46 13.23 21.32
CA GLY A 414 4.62 12.44 20.99
C GLY A 414 4.43 10.94 21.08
N GLN A 415 3.24 10.47 21.48
CA GLN A 415 2.97 9.03 21.56
C GLN A 415 2.20 8.52 20.36
N TYR A 416 2.44 9.08 19.19
CA TYR A 416 1.72 8.69 17.98
C TYR A 416 2.37 7.50 17.29
N TYR A 417 2.59 6.42 18.05
CA TYR A 417 3.04 5.15 17.49
C TYR A 417 1.93 4.12 17.41
N ASN A 418 1.18 3.93 18.50
CA ASN A 418 -0.04 3.14 18.46
C ASN A 418 -1.27 4.03 18.21
N HIS A 419 -1.17 4.86 17.17
CA HIS A 419 -2.26 5.75 16.80
C HIS A 419 -2.47 5.85 15.30
N ALA A 420 -1.52 5.40 14.47
CA ALA A 420 -1.66 5.51 13.03
C ALA A 420 -2.75 4.59 12.48
N ILE A 421 -3.16 3.58 13.24
CA ILE A 421 -4.22 2.68 12.78
C ILE A 421 -5.51 3.45 12.57
N ASP A 422 -5.85 4.35 13.49
CA ASP A 422 -7.01 5.20 13.31
C ASP A 422 -6.71 6.40 12.41
N TRP A 423 -5.44 6.66 12.10
CA TRP A 423 -5.09 7.81 11.27
C TRP A 423 -5.23 7.47 9.78
N GLN A 424 -4.49 6.47 9.30
CA GLN A 424 -4.53 6.15 7.88
C GLN A 424 -5.87 5.52 7.48
N THR A 425 -6.41 4.65 8.32
CA THR A 425 -7.70 4.06 8.03
C THR A 425 -8.80 5.11 8.08
N GLY A 426 -9.72 5.03 7.13
CA GLY A 426 -10.78 6.01 7.01
C GLY A 426 -10.57 6.96 5.84
N SER A 427 -11.32 8.06 5.88
CA SER A 427 -11.29 9.06 4.83
C SER A 427 -10.35 10.22 5.13
N GLY A 428 -9.63 10.18 6.24
CA GLY A 428 -8.76 11.29 6.61
C GLY A 428 -7.53 11.42 5.74
N CYS A 429 -6.62 10.45 5.83
CA CYS A 429 -5.39 10.51 5.04
C CYS A 429 -5.66 10.42 3.54
N SER A 430 -6.70 9.70 3.15
CA SER A 430 -7.07 9.66 1.73
C SER A 430 -7.45 11.05 1.23
N THR A 431 -8.27 11.77 2.00
CA THR A 431 -8.64 13.13 1.62
C THR A 431 -7.44 14.06 1.63
N ALA A 432 -6.55 13.90 2.62
CA ALA A 432 -5.36 14.75 2.69
C ALA A 432 -4.47 14.53 1.47
N GLY A 433 -4.25 13.27 1.09
CA GLY A 433 -3.44 12.99 -0.08
C GLY A 433 -4.10 13.48 -1.37
N PHE A 434 -5.41 13.32 -1.47
CA PHE A 434 -6.12 13.82 -2.65
C PHE A 434 -6.01 15.34 -2.74
N PHE A 435 -6.15 16.04 -1.62
CA PHE A 435 -6.01 17.49 -1.62
C PHE A 435 -4.60 17.91 -1.99
N THR A 436 -3.59 17.22 -1.47
CA THR A 436 -2.21 17.56 -1.81
C THR A 436 -1.94 17.33 -3.30
N VAL A 437 -2.42 16.21 -3.84
CA VAL A 437 -2.21 15.93 -5.26
C VAL A 437 -2.94 16.95 -6.12
N PHE A 438 -4.16 17.31 -5.75
CA PHE A 438 -4.91 18.30 -6.51
C PHE A 438 -4.22 19.66 -6.46
N ALA A 439 -3.70 20.05 -5.29
CA ALA A 439 -2.99 21.32 -5.19
C ALA A 439 -1.73 21.32 -6.04
N SER A 440 -0.97 20.22 -6.03
CA SER A 440 0.23 20.16 -6.84
C SER A 440 -0.10 20.23 -8.32
N GLU A 441 -1.13 19.48 -8.76
CA GLU A 441 -1.52 19.51 -10.17
C GLU A 441 -2.02 20.89 -10.57
N LEU A 442 -2.80 21.54 -9.71
CA LEU A 442 -3.29 22.87 -10.02
C LEU A 442 -2.15 23.88 -10.12
N SER A 443 -1.18 23.78 -9.22
CA SER A 443 -0.02 24.67 -9.29
C SER A 443 0.77 24.44 -10.57
N VAL A 444 0.98 23.18 -10.94
CA VAL A 444 1.71 22.88 -12.18
C VAL A 444 0.97 23.42 -13.39
N TYR A 445 -0.35 23.21 -13.44
CA TYR A 445 -1.12 23.69 -14.58
C TYR A 445 -1.15 25.22 -14.62
N THR A 446 -1.24 25.86 -13.46
CA THR A 446 -1.22 27.32 -13.44
C THR A 446 0.12 27.87 -13.93
N LEU A 447 1.22 27.23 -13.51
CA LEU A 447 2.53 27.66 -14.01
C LEU A 447 2.64 27.46 -15.52
N THR A 448 2.14 26.32 -16.01
CA THR A 448 2.17 26.06 -17.45
C THR A 448 1.35 27.09 -18.22
N VAL A 449 0.16 27.42 -17.70
CA VAL A 449 -0.69 28.40 -18.37
C VAL A 449 -0.06 29.78 -18.36
N ILE A 450 0.55 30.15 -17.24
CA ILE A 450 1.23 31.45 -17.15
C ILE A 450 2.38 31.51 -18.15
N THR A 451 3.14 30.42 -18.27
CA THR A 451 4.24 30.38 -19.23
C THR A 451 3.72 30.47 -20.66
N LEU A 452 2.63 29.77 -20.96
CA LEU A 452 2.12 29.74 -22.33
C LEU A 452 1.45 31.05 -22.71
N GLU A 453 0.92 31.79 -21.74
CA GLU A 453 0.25 33.05 -22.05
C GLU A 453 1.21 34.05 -22.68
N ARG A 454 2.43 34.15 -22.15
CA ARG A 454 3.41 35.09 -22.68
C ARG A 454 4.02 34.64 -24.00
N TRP A 455 3.84 33.36 -24.38
CA TRP A 455 4.41 32.85 -25.62
C TRP A 455 3.65 33.31 -26.86
N HIS A 456 2.44 33.85 -26.70
CA HIS A 456 1.62 34.30 -27.82
C HIS A 456 1.32 35.79 -27.81
N THR A 457 1.22 36.40 -26.62
CA THR A 457 0.90 37.82 -26.55
C THR A 457 2.11 38.68 -26.92
N ILE A 458 3.31 38.25 -26.53
CA ILE A 458 4.51 39.04 -26.77
C ILE A 458 5.24 38.59 -28.02
N THR A 459 5.47 37.27 -28.15
CA THR A 459 6.21 36.75 -29.30
C THR A 459 5.45 37.00 -30.60
N TYR A 460 4.13 36.83 -30.59
CA TYR A 460 3.28 37.00 -31.76
C TYR A 460 2.60 38.36 -31.77
N ALA A 461 3.30 39.40 -31.32
CA ALA A 461 2.72 40.74 -31.30
C ALA A 461 2.39 41.22 -32.71
N ILE A 462 3.17 40.81 -33.72
CA ILE A 462 2.88 41.18 -35.10
C ILE A 462 1.54 40.62 -35.53
N HIS A 463 1.08 39.54 -34.90
CA HIS A 463 -0.24 38.97 -35.14
C HIS A 463 -1.14 39.22 -33.93
N LEU A 464 -1.02 40.40 -33.33
CA LEU A 464 -1.79 40.74 -32.14
C LEU A 464 -3.29 40.68 -32.39
N ASP A 465 -3.73 40.83 -33.63
CA ASP A 465 -5.15 40.73 -33.94
C ASP A 465 -5.71 39.34 -33.68
N GLN A 466 -4.84 38.32 -33.63
CA GLN A 466 -5.26 36.95 -33.36
C GLN A 466 -5.05 36.57 -31.90
N LYS A 467 -5.07 37.55 -31.00
CA LYS A 467 -4.87 37.26 -29.59
C LYS A 467 -6.06 36.50 -29.01
N LEU A 468 -5.78 35.59 -28.10
CA LEU A 468 -6.83 34.79 -27.47
C LEU A 468 -7.69 35.65 -26.56
N ARG A 469 -8.95 35.27 -26.42
CA ARG A 469 -9.90 35.98 -25.58
C ARG A 469 -9.95 35.36 -24.19
N LEU A 470 -10.73 36.00 -23.31
CA LEU A 470 -10.87 35.51 -21.94
C LEU A 470 -11.60 34.17 -21.90
N ARG A 471 -12.46 33.89 -22.88
CA ARG A 471 -13.16 32.62 -22.91
C ARG A 471 -12.19 31.45 -23.06
N HIS A 472 -11.17 31.61 -23.90
CA HIS A 472 -10.16 30.57 -24.06
C HIS A 472 -9.41 30.34 -22.75
N ALA A 473 -9.06 31.41 -22.04
CA ALA A 473 -8.38 31.26 -20.76
C ALA A 473 -9.27 30.56 -19.74
N ILE A 474 -10.57 30.90 -19.72
CA ILE A 474 -11.49 30.24 -18.81
C ILE A 474 -11.60 28.75 -19.14
N LEU A 475 -11.68 28.42 -20.42
CA LEU A 475 -11.74 27.01 -20.83
C LEU A 475 -10.47 26.27 -20.43
N ILE A 476 -9.32 26.91 -20.60
CA ILE A 476 -8.05 26.28 -20.21
C ILE A 476 -8.01 26.04 -18.71
N MET A 477 -8.47 27.03 -17.93
CA MET A 477 -8.50 26.87 -16.48
C MET A 477 -9.44 25.75 -16.07
N LEU A 478 -10.61 25.66 -16.72
CA LEU A 478 -11.55 24.57 -16.42
C LEU A 478 -10.94 23.22 -16.75
N GLY A 479 -10.26 23.11 -17.90
CA GLY A 479 -9.61 21.86 -18.25
C GLY A 479 -8.51 21.49 -17.27
N GLY A 480 -7.73 22.47 -16.82
CA GLY A 480 -6.72 22.20 -15.82
C GLY A 480 -7.30 21.75 -14.50
N TRP A 481 -8.41 22.37 -14.08
CA TRP A 481 -9.09 21.95 -12.86
C TRP A 481 -9.61 20.53 -13.00
N LEU A 482 -10.18 20.19 -14.16
CA LEU A 482 -10.66 18.83 -14.38
C LEU A 482 -9.51 17.83 -14.34
N PHE A 483 -8.37 18.17 -14.96
CA PHE A 483 -7.22 17.29 -14.92
C PHE A 483 -6.70 17.10 -13.50
N SER A 484 -6.66 18.18 -12.72
CA SER A 484 -6.22 18.08 -11.33
C SER A 484 -7.18 17.22 -10.52
N SER A 485 -8.48 17.36 -10.75
CA SER A 485 -9.46 16.53 -10.05
C SER A 485 -9.29 15.07 -10.43
N LEU A 486 -9.05 14.78 -11.71
CA LEU A 486 -8.83 13.40 -12.13
C LEU A 486 -7.58 12.82 -11.49
N ILE A 487 -6.51 13.62 -11.43
CA ILE A 487 -5.27 13.17 -10.80
C ILE A 487 -5.50 12.89 -9.32
N ALA A 488 -6.24 13.76 -8.63
CA ALA A 488 -6.52 13.56 -7.22
C ALA A 488 -7.41 12.36 -6.97
N MET A 489 -8.35 12.08 -7.87
CA MET A 489 -9.25 10.94 -7.72
C MET A 489 -8.64 9.63 -8.20
N LEU A 490 -7.52 9.67 -8.93
CA LEU A 490 -6.88 8.44 -9.37
C LEU A 490 -6.50 7.52 -8.22
N PRO A 491 -5.84 7.96 -7.15
CA PRO A 491 -5.56 7.04 -6.04
C PRO A 491 -6.76 6.72 -5.18
N LEU A 492 -7.83 7.52 -5.26
CA LEU A 492 -9.04 7.22 -4.50
C LEU A 492 -9.68 5.92 -4.97
N VAL A 493 -9.67 5.70 -6.30
CA VAL A 493 -10.25 4.46 -6.84
C VAL A 493 -9.45 3.25 -6.41
N GLY A 494 -8.12 3.38 -6.31
CA GLY A 494 -7.28 2.27 -5.92
C GLY A 494 -6.01 2.16 -6.73
N VAL A 495 -5.78 3.14 -7.62
CA VAL A 495 -4.56 3.13 -8.43
C VAL A 495 -3.33 3.28 -7.54
N SER A 496 -3.40 4.19 -6.57
CA SER A 496 -2.29 4.42 -5.65
C SER A 496 -2.82 4.50 -4.23
N ASN A 497 -1.93 4.22 -3.27
CA ASN A 497 -2.26 4.25 -1.86
C ASN A 497 -1.56 5.41 -1.18
N TYR A 498 -2.32 6.24 -0.48
CA TYR A 498 -1.80 7.38 0.24
C TYR A 498 -1.51 7.07 1.71
N MET A 499 -1.67 5.83 2.12
CA MET A 499 -1.47 5.43 3.51
C MET A 499 -0.09 4.86 3.77
N LYS A 500 0.83 4.97 2.81
CA LYS A 500 2.17 4.41 2.94
C LYS A 500 3.15 5.39 3.57
N VAL A 501 2.71 6.59 3.96
CA VAL A 501 3.60 7.58 4.54
C VAL A 501 2.95 8.12 5.82
N SER A 502 3.81 8.61 6.72
CA SER A 502 3.32 9.20 7.96
C SER A 502 2.53 10.48 7.69
N ILE A 503 2.96 11.26 6.70
CA ILE A 503 2.29 12.51 6.35
C ILE A 503 1.04 12.22 5.55
N CYS A 504 0.78 10.93 5.30
CA CYS A 504 -0.39 10.47 4.56
C CYS A 504 -0.44 11.10 3.16
N PHE A 505 0.58 10.78 2.38
CA PHE A 505 0.75 11.27 1.02
C PHE A 505 0.95 10.10 0.08
N PRO A 506 0.65 10.30 -1.22
CA PRO A 506 0.78 9.19 -2.20
C PRO A 506 2.23 8.93 -2.59
N MET A 507 2.93 8.16 -1.76
CA MET A 507 4.32 7.79 -1.98
C MET A 507 4.49 6.28 -1.86
N ASP A 508 3.57 5.54 -2.47
CA ASP A 508 3.59 4.08 -2.44
C ASP A 508 4.01 3.54 -3.80
N VAL A 509 4.98 2.62 -3.80
CA VAL A 509 5.46 2.00 -5.03
C VAL A 509 5.41 0.49 -4.89
N GLU A 510 4.55 0.01 -3.99
CA GLU A 510 4.44 -1.42 -3.75
C GLU A 510 3.73 -2.18 -4.86
N THR A 511 3.12 -1.47 -5.82
CA THR A 511 2.39 -2.09 -6.91
C THR A 511 2.90 -1.56 -8.24
N THR A 512 2.75 -2.38 -9.28
CA THR A 512 3.18 -1.97 -10.61
C THR A 512 2.37 -0.78 -11.11
N LEU A 513 1.05 -0.80 -10.86
CA LEU A 513 0.21 0.33 -11.27
C LEU A 513 0.61 1.61 -10.55
N SER A 514 0.89 1.52 -9.25
CA SER A 514 1.32 2.70 -8.50
C SER A 514 2.65 3.22 -9.01
N GLN A 515 3.59 2.33 -9.31
CA GLN A 515 4.89 2.75 -9.85
C GLN A 515 4.72 3.41 -11.21
N VAL A 516 3.85 2.86 -12.05
CA VAL A 516 3.60 3.46 -13.37
C VAL A 516 2.99 4.85 -13.21
N TYR A 517 2.04 4.99 -12.29
CA TYR A 517 1.42 6.29 -12.05
C TYR A 517 2.44 7.31 -11.55
N ILE A 518 3.32 6.89 -10.63
CA ILE A 518 4.34 7.79 -10.11
C ILE A 518 5.31 8.21 -11.22
N LEU A 519 5.71 7.25 -12.06
CA LEU A 519 6.60 7.59 -13.17
C LEU A 519 5.94 8.54 -14.15
N THR A 520 4.65 8.32 -14.44
CA THR A 520 3.93 9.22 -15.34
C THR A 520 3.82 10.61 -14.74
N ILE A 521 3.56 10.70 -13.43
CA ILE A 521 3.48 12.02 -12.79
C ILE A 521 4.82 12.73 -12.84
N LEU A 522 5.90 12.00 -12.58
CA LEU A 522 7.23 12.60 -12.65
C LEU A 522 7.56 13.08 -14.05
N ILE A 523 7.22 12.27 -15.07
CA ILE A 523 7.47 12.65 -16.46
C ILE A 523 6.67 13.89 -16.82
N LEU A 524 5.40 13.94 -16.39
CA LEU A 524 4.57 15.11 -16.66
C LEU A 524 5.13 16.35 -16.00
N ASN A 525 5.60 16.22 -14.76
CA ASN A 525 6.20 17.36 -14.07
C ASN A 525 7.45 17.85 -14.77
N VAL A 526 8.30 16.92 -15.21
CA VAL A 526 9.52 17.30 -15.92
C VAL A 526 9.18 18.00 -17.24
N VAL A 527 8.20 17.47 -17.96
CA VAL A 527 7.78 18.07 -19.23
C VAL A 527 7.23 19.47 -18.99
N ALA A 528 6.41 19.64 -17.95
CA ALA A 528 5.86 20.95 -17.64
C ALA A 528 6.97 21.94 -17.28
N PHE A 529 7.96 21.51 -16.49
CA PHE A 529 9.06 22.38 -16.15
C PHE A 529 9.86 22.79 -17.37
N PHE A 530 10.14 21.83 -18.26
CA PHE A 530 10.87 22.15 -19.49
C PHE A 530 10.08 23.10 -20.37
N ILE A 531 8.77 22.90 -20.49
CA ILE A 531 7.93 23.77 -21.30
C ILE A 531 7.91 25.18 -20.71
N ILE A 532 7.81 25.29 -19.38
CA ILE A 532 7.81 26.59 -18.74
C ILE A 532 9.14 27.31 -18.98
N CYS A 533 10.26 26.58 -18.86
CA CYS A 533 11.56 27.18 -19.10
C CYS A 533 11.69 27.66 -20.54
N ALA A 534 11.23 26.83 -21.50
CA ALA A 534 11.30 27.22 -22.90
C ALA A 534 10.44 28.45 -23.19
N CYS A 535 9.24 28.50 -22.60
CA CYS A 535 8.37 29.66 -22.80
C CYS A 535 8.98 30.92 -22.21
N TYR A 536 9.58 30.80 -21.02
CA TYR A 536 10.24 31.96 -20.41
C TYR A 536 11.41 32.44 -21.26
N ILE A 537 12.20 31.50 -21.80
CA ILE A 537 13.32 31.88 -22.65
C ILE A 537 12.82 32.57 -23.91
N LYS A 538 11.76 32.04 -24.51
CA LYS A 538 11.20 32.67 -25.71
C LYS A 538 10.67 34.07 -25.42
N ILE A 539 10.02 34.24 -24.26
CA ILE A 539 9.51 35.56 -23.89
C ILE A 539 10.66 36.54 -23.68
N TYR A 540 11.73 36.10 -23.01
CA TYR A 540 12.88 36.97 -22.78
C TYR A 540 13.57 37.33 -24.09
N PHE A 541 13.63 36.40 -25.04
CA PHE A 541 14.27 36.68 -26.32
C PHE A 541 13.42 37.62 -27.16
N ALA A 542 12.10 37.47 -27.11
CA ALA A 542 11.18 38.26 -27.92
C ALA A 542 10.53 39.40 -27.16
N VAL A 543 11.05 39.74 -25.97
CA VAL A 543 10.46 40.81 -25.18
C VAL A 543 10.55 42.14 -25.90
N ARG A 544 11.71 42.43 -26.49
CA ARG A 544 11.93 43.70 -27.19
C ARG A 544 12.53 43.57 -28.57
N ASN A 545 13.19 42.46 -28.89
CA ASN A 545 13.89 42.31 -30.17
C ASN A 545 12.92 41.98 -31.30
N PRO A 546 12.01 41.02 -31.10
CA PRO A 546 11.21 40.52 -32.23
C PRO A 546 10.34 41.58 -32.90
N GLU A 547 9.40 42.17 -32.16
CA GLU A 547 8.50 43.18 -32.74
C GLU A 547 8.61 44.52 -32.04
N LEU A 548 8.42 44.55 -30.72
CA LEU A 548 8.40 45.79 -29.95
C LEU A 548 8.33 45.42 -28.48
N MET A 549 8.32 46.43 -27.61
CA MET A 549 8.27 46.21 -26.17
C MET A 549 7.44 47.29 -25.50
N ALA A 550 6.52 46.87 -24.65
CA ALA A 550 5.78 47.77 -23.77
C ALA A 550 6.32 47.54 -22.36
N THR A 551 6.97 48.57 -21.80
CA THR A 551 7.77 48.38 -20.60
C THR A 551 6.91 47.94 -19.42
N ASN A 552 5.84 48.69 -19.13
CA ASN A 552 5.11 48.49 -17.87
C ASN A 552 4.47 47.11 -17.81
N LYS A 553 3.51 46.85 -18.71
CA LYS A 553 2.71 45.63 -18.62
C LYS A 553 3.57 44.38 -18.85
N ASP A 554 4.39 44.39 -19.90
CA ASP A 554 5.21 43.23 -20.19
C ASP A 554 6.23 42.97 -19.09
N THR A 555 6.86 44.04 -18.57
CA THR A 555 7.82 43.87 -17.49
C THR A 555 7.16 43.30 -16.24
N LYS A 556 5.98 43.82 -15.87
CA LYS A 556 5.29 43.32 -14.69
C LYS A 556 4.89 41.86 -14.87
N ILE A 557 4.36 41.51 -16.05
CA ILE A 557 3.94 40.13 -16.29
C ILE A 557 5.13 39.20 -16.26
N ALA A 558 6.24 39.59 -16.89
CA ALA A 558 7.43 38.74 -16.88
C ALA A 558 7.99 38.57 -15.48
N LYS A 559 8.02 39.65 -14.69
CA LYS A 559 8.52 39.54 -13.32
C LYS A 559 7.65 38.62 -12.48
N LYS A 560 6.32 38.77 -12.59
CA LYS A 560 5.42 37.91 -11.83
C LYS A 560 5.57 36.45 -12.25
N MET A 561 5.65 36.20 -13.56
CA MET A 561 5.78 34.82 -14.03
C MET A 561 7.10 34.21 -13.58
N ALA A 562 8.19 34.98 -13.64
CA ALA A 562 9.49 34.47 -13.20
C ALA A 562 9.49 34.18 -11.71
N ILE A 563 8.89 35.07 -10.92
CA ILE A 563 8.83 34.85 -9.47
C ILE A 563 8.03 33.60 -9.15
N LEU A 564 6.88 33.44 -9.80
CA LEU A 564 6.05 32.26 -9.56
C LEU A 564 6.78 30.99 -9.98
N ILE A 565 7.44 31.01 -11.14
CA ILE A 565 8.15 29.83 -11.63
C ILE A 565 9.28 29.45 -10.68
N PHE A 566 10.05 30.45 -10.22
CA PHE A 566 11.15 30.17 -9.29
C PHE A 566 10.62 29.62 -7.98
N THR A 567 9.55 30.23 -7.45
CA THR A 567 9.00 29.76 -6.18
C THR A 567 8.46 28.35 -6.29
N ASP A 568 7.84 28.00 -7.42
CA ASP A 568 7.35 26.64 -7.61
C ASP A 568 8.50 25.65 -7.79
N PHE A 569 9.48 26.00 -8.62
CA PHE A 569 10.56 25.07 -8.93
C PHE A 569 11.43 24.79 -7.71
N THR A 570 11.90 25.84 -7.03
CA THR A 570 12.81 25.66 -5.90
C THR A 570 12.17 24.92 -4.75
N CYS A 571 10.83 24.86 -4.70
CA CYS A 571 10.13 24.16 -3.64
C CYS A 571 9.58 22.80 -4.07
N MET A 572 9.47 22.53 -5.37
CA MET A 572 8.93 21.27 -5.85
C MET A 572 9.97 20.32 -6.42
N ALA A 573 10.89 20.82 -7.25
CA ALA A 573 11.83 19.92 -7.93
C ALA A 573 12.70 19.14 -6.96
N PRO A 574 13.40 19.77 -6.01
CA PRO A 574 14.10 18.97 -5.00
C PRO A 574 13.17 18.10 -4.17
N ILE A 575 11.98 18.61 -3.85
CA ILE A 575 11.01 17.83 -3.10
C ILE A 575 10.54 16.63 -3.91
N SER A 576 10.25 16.84 -5.20
CA SER A 576 9.84 15.73 -6.05
C SER A 576 10.94 14.69 -6.19
N PHE A 577 12.18 15.13 -6.35
CA PHE A 577 13.30 14.19 -6.45
C PHE A 577 13.46 13.40 -5.15
N PHE A 578 13.36 14.07 -4.01
CA PHE A 578 13.48 13.37 -2.74
C PHE A 578 12.34 12.38 -2.54
N ALA A 579 11.13 12.75 -2.92
CA ALA A 579 10.00 11.83 -2.81
C ALA A 579 10.17 10.62 -3.71
N ILE A 580 10.67 10.84 -4.94
CA ILE A 580 10.92 9.72 -5.85
C ILE A 580 11.99 8.80 -5.27
N SER A 581 13.05 9.37 -4.72
CA SER A 581 14.11 8.56 -4.12
C SER A 581 13.57 7.75 -2.93
N ALA A 582 12.74 8.37 -2.09
CA ALA A 582 12.16 7.67 -0.96
C ALA A 582 11.25 6.54 -1.41
N ALA A 583 10.44 6.78 -2.45
CA ALA A 583 9.58 5.73 -2.98
C ALA A 583 10.40 4.59 -3.56
N PHE A 584 11.51 4.91 -4.23
CA PHE A 584 12.39 3.89 -4.78
C PHE A 584 13.23 3.21 -3.71
N LYS A 585 13.20 3.70 -2.46
CA LYS A 585 13.97 3.15 -1.35
C LYS A 585 15.47 3.20 -1.66
N VAL A 586 15.93 4.39 -2.05
CA VAL A 586 17.33 4.62 -2.36
C VAL A 586 17.81 5.86 -1.59
N PRO A 587 18.64 5.69 -0.55
CA PRO A 587 19.14 6.86 0.20
C PRO A 587 20.20 7.61 -0.61
N LEU A 588 19.83 8.78 -1.11
CA LEU A 588 20.75 9.56 -1.92
C LEU A 588 21.85 10.20 -1.08
N ILE A 589 21.49 10.75 0.09
CA ILE A 589 22.46 11.31 1.01
C ILE A 589 22.24 10.70 2.38
N THR A 590 21.02 10.81 2.90
CA THR A 590 20.67 10.25 4.20
C THR A 590 19.17 10.01 4.23
N VAL A 591 18.75 9.18 5.19
CA VAL A 591 17.35 8.86 5.37
C VAL A 591 16.72 9.65 6.52
N THR A 592 17.52 10.43 7.25
CA THR A 592 16.98 11.20 8.37
C THR A 592 16.29 12.48 7.89
N ASN A 593 17.03 13.32 7.16
CA ASN A 593 16.50 14.58 6.66
C ASN A 593 15.88 14.46 5.27
N SER A 594 15.82 13.25 4.71
CA SER A 594 15.21 13.08 3.40
C SER A 594 13.73 13.46 3.42
N LYS A 595 13.01 13.05 4.47
CA LYS A 595 11.62 13.42 4.62
C LYS A 595 11.43 14.82 5.19
N VAL A 596 12.48 15.43 5.71
CA VAL A 596 12.38 16.78 6.27
C VAL A 596 11.99 17.77 5.18
N LEU A 597 12.60 17.66 4.00
CA LEU A 597 12.27 18.55 2.90
C LEU A 597 10.82 18.34 2.43
N LEU A 598 10.38 17.09 2.37
CA LEU A 598 9.01 16.81 1.95
C LEU A 598 8.00 17.29 2.99
N VAL A 599 8.40 17.35 4.27
CA VAL A 599 7.49 17.79 5.31
C VAL A 599 7.43 19.32 5.37
N LEU A 600 8.57 19.99 5.28
CA LEU A 600 8.65 21.43 5.47
C LEU A 600 8.96 22.19 4.18
N PHE A 601 9.96 21.76 3.42
CA PHE A 601 10.34 22.50 2.22
C PHE A 601 9.35 22.30 1.08
N TYR A 602 8.67 21.15 1.05
CA TYR A 602 7.71 20.90 -0.02
C TYR A 602 6.53 21.88 -0.03
N PRO A 603 5.83 22.12 1.09
CA PRO A 603 4.67 23.02 1.05
C PRO A 603 4.97 24.49 1.24
N ILE A 604 6.24 24.89 1.36
CA ILE A 604 6.54 26.30 1.59
C ILE A 604 6.10 27.15 0.41
N ASN A 605 6.00 26.55 -0.79
CA ASN A 605 5.52 27.27 -1.96
C ASN A 605 4.09 27.76 -1.77
N SER A 606 3.33 27.16 -0.85
CA SER A 606 2.00 27.68 -0.54
C SER A 606 2.09 29.06 0.08
N CYS A 607 3.08 29.29 0.94
CA CYS A 607 3.26 30.58 1.58
C CYS A 607 4.22 31.49 0.82
N ALA A 608 5.25 30.93 0.19
CA ALA A 608 6.21 31.75 -0.53
C ALA A 608 5.55 32.45 -1.72
N ASN A 609 4.69 31.75 -2.46
CA ASN A 609 4.04 32.36 -3.62
C ASN A 609 3.16 33.53 -3.24
N PRO A 610 2.28 33.43 -2.24
CA PRO A 610 1.48 34.61 -1.86
C PRO A 610 2.32 35.80 -1.42
N PHE A 611 3.43 35.54 -0.71
CA PHE A 611 4.28 36.62 -0.26
C PHE A 611 4.85 37.40 -1.42
N LEU A 612 5.28 36.70 -2.48
CA LEU A 612 5.72 37.39 -3.69
C LEU A 612 4.54 38.04 -4.42
N TYR A 613 3.33 37.51 -4.23
CA TYR A 613 2.17 38.07 -4.89
C TYR A 613 1.74 39.39 -4.28
N ALA A 614 2.13 39.67 -3.03
CA ALA A 614 1.76 40.91 -2.36
C ALA A 614 2.82 42.00 -2.52
N ILE A 615 3.92 41.71 -3.22
CA ILE A 615 4.99 42.68 -3.42
C ILE A 615 5.38 42.83 -4.88
N PHE A 616 4.84 42.00 -5.78
CA PHE A 616 5.18 42.07 -7.19
C PHE A 616 3.95 42.24 -8.09
N THR A 617 2.77 42.45 -7.51
CA THR A 617 1.55 42.64 -8.27
C THR A 617 1.06 44.07 -8.04
N LYS A 618 1.10 44.88 -9.10
CA LYS A 618 0.68 46.28 -8.97
C LYS A 618 -0.79 46.40 -8.63
N THR A 619 -1.65 45.63 -9.32
CA THR A 619 -3.08 45.71 -9.06
C THR A 619 -3.43 45.26 -7.65
N PHE A 620 -2.82 44.17 -7.20
CA PHE A 620 -3.13 43.65 -5.87
C PHE A 620 -2.69 44.62 -4.77
N GLN A 621 -1.48 45.17 -4.90
CA GLN A 621 -1.01 46.12 -3.89
C GLN A 621 -1.81 47.41 -3.94
N ARG A 622 -2.22 47.85 -5.13
CA ARG A 622 -3.05 49.04 -5.24
C ARG A 622 -4.41 48.82 -4.57
N ASP A 623 -5.01 47.65 -4.79
CA ASP A 623 -6.29 47.36 -4.14
C ASP A 623 -6.14 47.28 -2.63
N PHE A 624 -5.05 46.65 -2.15
CA PHE A 624 -4.82 46.57 -0.71
C PHE A 624 -4.64 47.95 -0.10
N PHE A 625 -3.87 48.82 -0.76
CA PHE A 625 -3.66 50.17 -0.25
C PHE A 625 -4.96 50.96 -0.26
N LEU A 626 -5.76 50.82 -1.32
CA LEU A 626 -7.05 51.51 -1.38
C LEU A 626 -7.98 51.05 -0.27
N LEU A 627 -8.02 49.74 -0.02
CA LEU A 627 -8.86 49.23 1.06
C LEU A 627 -8.37 49.72 2.42
N LEU A 628 -7.06 49.71 2.64
CA LEU A 628 -6.52 50.18 3.91
C LEU A 628 -6.81 51.65 4.14
N SER A 629 -6.65 52.47 3.11
CA SER A 629 -6.93 53.91 3.26
C SER A 629 -8.41 54.17 3.45
N LYS A 630 -9.27 53.49 2.68
CA LYS A 630 -10.70 53.76 2.75
C LYS A 630 -11.32 53.19 4.01
N PHE A 631 -10.96 51.95 4.38
CA PHE A 631 -11.64 51.27 5.48
C PHE A 631 -10.93 51.49 6.81
N GLY A 632 -10.67 52.75 7.14
CA GLY A 632 -10.19 53.13 8.46
C GLY A 632 -8.80 52.67 8.82
N CYS A 633 -8.21 51.74 8.07
CA CYS A 633 -6.88 51.24 8.41
C CYS A 633 -5.81 52.29 8.14
N CYS A 634 -5.94 53.03 7.05
CA CYS A 634 -4.97 54.06 6.69
C CYS A 634 -5.67 55.36 6.28
#